data_2LA5
#
_entry.id   2LA5
#
loop_
_entity.id
_entity.type
_entity.pdbx_description
1 polymer 'RNA (36-MER)'
2 polymer 'Fragile X mental retardation 1 protein'
#
loop_
_entity_poly.entity_id
_entity_poly.type
_entity_poly.pdbx_seq_one_letter_code
_entity_poly.pdbx_strand_id
1 'polyribonucleotide' GCUGCGGUGUGGAAGGAGUGGCUGGGUUGCGCAGCG A
2 'polypeptide(L)' GPRRGDGRRRGGGGRGQ B
#
# COMPACT_ATOMS: atom_id res chain seq x y z
N GLY B 1 -4.86 -8.95 -6.47
CA GLY B 1 -6.14 -9.26 -5.76
C GLY B 1 -5.86 -9.46 -4.27
N PRO B 2 -5.99 -8.42 -3.48
CA PRO B 2 -5.74 -8.50 -2.01
C PRO B 2 -6.91 -9.15 -1.27
N ARG B 3 -6.63 -10.29 -0.64
CA ARG B 3 -7.64 -11.03 0.11
C ARG B 3 -7.53 -10.76 1.61
N ARG B 4 -6.41 -10.18 2.03
CA ARG B 4 -6.19 -9.88 3.44
C ARG B 4 -7.12 -8.77 3.91
N GLY B 5 -7.12 -7.65 3.19
CA GLY B 5 -7.97 -6.52 3.55
C GLY B 5 -7.23 -5.51 4.42
N ASP B 6 -5.99 -5.84 4.80
CA ASP B 6 -5.19 -4.95 5.63
C ASP B 6 -4.88 -3.66 4.88
N GLY B 7 -4.46 -3.79 3.62
CA GLY B 7 -4.14 -2.63 2.79
C GLY B 7 -2.77 -2.06 3.16
N ARG B 8 -1.73 -2.70 2.64
CA ARG B 8 -0.36 -2.26 2.91
C ARG B 8 -0.03 -1.00 2.11
N ARG B 9 1.07 -0.34 2.46
CA ARG B 9 1.51 0.84 1.74
C ARG B 9 2.05 0.36 0.40
N ARG B 10 1.54 0.92 -0.67
CA ARG B 10 1.96 0.51 -2.01
C ARG B 10 3.45 0.74 -2.20
N GLY B 11 4.13 -0.25 -2.75
CA GLY B 11 5.55 -0.13 -3.03
C GLY B 11 5.73 0.88 -4.16
N GLY B 12 6.37 0.44 -5.24
CA GLY B 12 6.59 1.30 -6.39
C GLY B 12 7.29 2.59 -6.01
N GLY B 13 6.56 3.54 -5.42
CA GLY B 13 7.15 4.81 -5.04
C GLY B 13 6.58 5.32 -3.72
N GLY B 14 7.02 6.52 -3.35
CA GLY B 14 6.56 7.18 -2.13
C GLY B 14 5.08 6.91 -1.91
N ARG B 15 4.29 7.08 -2.96
CA ARG B 15 2.84 6.91 -2.87
C ARG B 15 2.51 5.61 -2.13
N GLY B 16 1.75 5.77 -1.06
CA GLY B 16 1.36 4.66 -0.20
C GLY B 16 1.75 4.95 1.25
N GLN B 17 2.64 5.92 1.45
CA GLN B 17 3.09 6.29 2.79
C GLN B 17 1.90 6.71 3.65
N GLY B 1 -4.31 -5.83 -3.89
CA GLY B 1 -4.66 -4.91 -2.77
C GLY B 1 -4.55 -5.65 -1.44
N PRO B 2 -4.49 -4.92 -0.35
CA PRO B 2 -4.39 -5.53 1.01
C PRO B 2 -5.76 -6.00 1.51
N ARG B 3 -5.85 -7.30 1.81
CA ARG B 3 -7.12 -7.86 2.28
C ARG B 3 -7.09 -8.06 3.79
N ARG B 4 -6.00 -7.65 4.45
CA ARG B 4 -5.89 -7.81 5.90
C ARG B 4 -6.67 -6.71 6.62
N GLY B 5 -6.40 -5.46 6.27
CA GLY B 5 -7.10 -4.33 6.89
C GLY B 5 -6.18 -3.12 7.06
N ASP B 6 -4.98 -3.37 7.58
CA ASP B 6 -4.01 -2.29 7.81
C ASP B 6 -3.72 -1.57 6.49
N GLY B 7 -3.31 -2.32 5.48
CA GLY B 7 -3.00 -1.74 4.18
C GLY B 7 -1.59 -1.16 4.15
N ARG B 8 -0.64 -1.95 3.66
CA ARG B 8 0.75 -1.52 3.57
C ARG B 8 0.90 -0.49 2.44
N ARG B 9 2.00 0.25 2.48
CA ARG B 9 2.28 1.22 1.44
C ARG B 9 2.60 0.45 0.16
N ARG B 10 1.89 0.76 -0.90
CA ARG B 10 2.08 0.07 -2.17
C ARG B 10 3.52 0.24 -2.65
N GLY B 11 3.99 -0.74 -3.43
CA GLY B 11 5.34 -0.68 -3.97
C GLY B 11 5.48 0.53 -4.88
N GLY B 12 5.85 0.30 -6.14
CA GLY B 12 6.02 1.40 -7.09
C GLY B 12 6.95 2.47 -6.54
N GLY B 13 6.41 3.35 -5.70
CA GLY B 13 7.22 4.41 -5.11
C GLY B 13 6.54 5.01 -3.90
N GLY B 14 6.92 6.24 -3.60
CA GLY B 14 6.37 7.02 -2.49
C GLY B 14 4.87 6.78 -2.33
N ARG B 15 4.16 6.85 -3.45
CA ARG B 15 2.70 6.71 -3.40
C ARG B 15 2.33 5.41 -2.72
N GLY B 16 1.59 5.57 -1.63
CA GLY B 16 1.18 4.46 -0.79
C GLY B 16 1.71 4.70 0.64
N GLN B 17 2.71 5.58 0.72
CA GLN B 17 3.35 5.95 2.00
C GLN B 17 2.37 5.84 3.18
N GLY B 1 -7.13 -2.67 -4.86
CA GLY B 1 -7.09 -2.17 -3.45
C GLY B 1 -6.43 -3.21 -2.55
N PRO B 2 -6.23 -2.88 -1.30
CA PRO B 2 -5.60 -3.81 -0.30
C PRO B 2 -6.50 -4.99 0.05
N ARG B 3 -5.92 -6.01 0.68
CA ARG B 3 -6.68 -7.19 1.08
C ARG B 3 -7.01 -7.17 2.57
N ARG B 4 -6.21 -6.42 3.35
CA ARG B 4 -6.44 -6.33 4.79
C ARG B 4 -7.30 -5.11 5.15
N GLY B 5 -7.19 -4.05 4.37
CA GLY B 5 -7.95 -2.83 4.61
C GLY B 5 -7.11 -1.60 4.33
N ASP B 6 -6.42 -1.10 5.36
CA ASP B 6 -5.56 0.08 5.19
C ASP B 6 -4.52 -0.20 4.12
N GLY B 7 -3.99 -1.41 4.13
CA GLY B 7 -2.98 -1.83 3.15
C GLY B 7 -1.62 -1.20 3.43
N ARG B 8 -0.58 -1.99 3.22
CA ARG B 8 0.80 -1.53 3.41
C ARG B 8 1.10 -0.38 2.48
N ARG B 9 2.17 0.35 2.78
CA ARG B 9 2.55 1.46 1.94
C ARG B 9 3.06 0.88 0.62
N ARG B 10 2.48 1.35 -0.47
CA ARG B 10 2.83 0.83 -1.78
C ARG B 10 4.27 1.15 -2.14
N GLY B 11 4.95 0.18 -2.73
CA GLY B 11 6.31 0.36 -3.18
C GLY B 11 6.28 1.19 -4.45
N GLY B 12 6.85 0.65 -5.53
CA GLY B 12 6.86 1.34 -6.80
C GLY B 12 7.66 2.63 -6.73
N GLY B 13 7.10 3.66 -6.08
CA GLY B 13 7.81 4.93 -5.98
C GLY B 13 7.46 5.66 -4.69
N GLY B 14 7.83 6.94 -4.66
CA GLY B 14 7.56 7.80 -3.53
C GLY B 14 6.20 7.49 -2.91
N ARG B 15 5.19 7.39 -3.77
CA ARG B 15 3.81 7.14 -3.34
C ARG B 15 3.73 5.86 -2.52
N GLY B 16 3.26 5.99 -1.28
CA GLY B 16 3.13 4.85 -0.37
C GLY B 16 3.25 5.28 1.09
N GLN B 17 4.29 6.08 1.38
CA GLN B 17 4.54 6.55 2.76
C GLN B 17 3.24 6.70 3.57
N GLY B 1 -6.38 -6.22 -4.57
CA GLY B 1 -5.05 -6.32 -3.90
C GLY B 1 -5.21 -6.14 -2.39
N PRO B 2 -5.54 -4.95 -1.96
CA PRO B 2 -5.73 -4.65 -0.51
C PRO B 2 -6.88 -5.45 0.10
N ARG B 3 -6.53 -6.42 0.95
CA ARG B 3 -7.54 -7.25 1.59
C ARG B 3 -7.78 -6.82 3.04
N ARG B 4 -6.80 -6.14 3.63
CA ARG B 4 -6.92 -5.67 5.01
C ARG B 4 -7.96 -4.55 5.11
N GLY B 5 -7.87 -3.59 4.20
CA GLY B 5 -8.80 -2.46 4.19
C GLY B 5 -8.19 -1.29 3.43
N ASP B 6 -7.49 -0.42 4.15
CA ASP B 6 -6.85 0.73 3.53
C ASP B 6 -5.81 0.25 2.52
N GLY B 7 -5.21 -0.90 2.82
CA GLY B 7 -4.21 -1.48 1.92
C GLY B 7 -2.80 -1.09 2.36
N ARG B 8 -1.85 -2.01 2.16
CA ARG B 8 -0.47 -1.76 2.51
C ARG B 8 0.07 -0.59 1.71
N ARG B 9 1.17 0.01 2.16
CA ARG B 9 1.73 1.13 1.43
C ARG B 9 2.29 0.60 0.12
N ARG B 10 1.87 1.18 -0.96
CA ARG B 10 2.31 0.72 -2.28
C ARG B 10 3.79 0.96 -2.47
N GLY B 11 4.48 -0.06 -2.96
CA GLY B 11 5.90 0.06 -3.23
C GLY B 11 6.07 0.97 -4.44
N GLY B 12 6.71 0.45 -5.47
CA GLY B 12 6.92 1.22 -6.70
C GLY B 12 7.61 2.54 -6.44
N GLY B 13 6.89 3.51 -5.85
CA GLY B 13 7.49 4.81 -5.59
C GLY B 13 7.03 5.41 -4.27
N GLY B 14 7.43 6.66 -4.07
CA GLY B 14 7.08 7.42 -2.87
C GLY B 14 5.64 7.15 -2.45
N ARG B 15 4.73 7.18 -3.42
CA ARG B 15 3.30 6.99 -3.15
C ARG B 15 3.06 5.67 -2.44
N GLY B 16 2.47 5.79 -1.24
CA GLY B 16 2.17 4.64 -0.40
C GLY B 16 2.33 5.00 1.08
N GLN B 17 3.38 5.76 1.39
CA GLN B 17 3.65 6.18 2.77
C GLN B 17 2.36 6.63 3.47
N GLY B 1 -7.36 -2.74 -5.41
CA GLY B 1 -7.34 -2.32 -3.98
C GLY B 1 -6.67 -3.41 -3.14
N PRO B 2 -6.70 -3.25 -1.84
CA PRO B 2 -6.08 -4.24 -0.90
C PRO B 2 -7.00 -5.41 -0.60
N ARG B 3 -6.49 -6.39 0.14
CA ARG B 3 -7.27 -7.58 0.49
C ARG B 3 -7.77 -7.50 1.94
N ARG B 4 -7.09 -6.70 2.77
CA ARG B 4 -7.48 -6.57 4.17
C ARG B 4 -8.39 -5.36 4.38
N GLY B 5 -7.94 -4.19 3.92
CA GLY B 5 -8.72 -2.97 4.06
C GLY B 5 -7.82 -1.79 4.41
N ASP B 6 -6.83 -2.03 5.27
CA ASP B 6 -5.91 -0.98 5.68
C ASP B 6 -5.22 -0.38 4.44
N GLY B 7 -4.69 -1.26 3.60
CA GLY B 7 -4.02 -0.82 2.38
C GLY B 7 -2.56 -0.47 2.64
N ARG B 8 -1.70 -1.50 2.59
CA ARG B 8 -0.27 -1.30 2.79
C ARG B 8 0.28 -0.37 1.72
N ARG B 9 1.47 0.20 1.93
CA ARG B 9 2.02 1.08 0.93
C ARG B 9 2.42 0.24 -0.27
N ARG B 10 1.91 0.65 -1.41
CA ARG B 10 2.16 -0.04 -2.67
C ARG B 10 3.56 0.25 -3.18
N GLY B 11 4.11 -0.69 -3.94
CA GLY B 11 5.44 -0.52 -4.50
C GLY B 11 5.47 0.68 -5.45
N GLY B 12 6.08 0.51 -6.61
CA GLY B 12 6.15 1.59 -7.58
C GLY B 12 7.02 2.73 -7.04
N GLY B 13 6.48 3.48 -6.10
CA GLY B 13 7.22 4.59 -5.51
C GLY B 13 6.55 5.10 -4.25
N GLY B 14 6.92 6.32 -3.88
CA GLY B 14 6.36 7.01 -2.72
C GLY B 14 4.88 6.75 -2.59
N ARG B 15 4.16 6.88 -3.71
CA ARG B 15 2.71 6.74 -3.68
C ARG B 15 2.36 5.39 -3.08
N GLY B 16 1.61 5.49 -1.98
CA GLY B 16 1.21 4.34 -1.18
C GLY B 16 1.72 4.56 0.25
N GLN B 17 2.77 5.40 0.36
CA GLN B 17 3.39 5.75 1.63
C GLN B 17 2.35 5.78 2.75
N GLY B 1 -7.41 1.29 -2.84
CA GLY B 1 -7.23 0.91 -1.41
C GLY B 1 -6.57 -0.45 -1.31
N PRO B 2 -6.54 -1.03 -0.13
CA PRO B 2 -5.93 -2.36 0.11
C PRO B 2 -6.86 -3.50 -0.33
N ARG B 3 -6.29 -4.70 -0.47
CA ARG B 3 -7.08 -5.86 -0.88
C ARG B 3 -7.40 -6.74 0.33
N ARG B 4 -6.58 -6.61 1.36
CA ARG B 4 -6.75 -7.39 2.58
C ARG B 4 -7.56 -6.61 3.62
N GLY B 5 -7.12 -5.39 3.92
CA GLY B 5 -7.82 -4.55 4.90
C GLY B 5 -6.84 -3.84 5.83
N ASP B 6 -5.67 -4.45 6.05
CA ASP B 6 -4.66 -3.87 6.93
C ASP B 6 -4.27 -2.47 6.44
N GLY B 7 -3.87 -2.39 5.17
CA GLY B 7 -3.48 -1.11 4.57
C GLY B 7 -1.96 -0.96 4.53
N ARG B 8 -1.32 -1.85 3.77
CA ARG B 8 0.13 -1.82 3.63
C ARG B 8 0.57 -0.67 2.72
N ARG B 9 1.78 -0.18 2.92
CA ARG B 9 2.32 0.88 2.09
C ARG B 9 2.55 0.32 0.69
N ARG B 10 2.00 0.97 -0.31
CA ARG B 10 2.16 0.49 -1.69
C ARG B 10 3.61 0.60 -2.12
N GLY B 11 4.07 -0.39 -2.88
CA GLY B 11 5.43 -0.36 -3.40
C GLY B 11 5.55 0.74 -4.44
N GLY B 12 5.99 0.37 -5.64
CA GLY B 12 6.12 1.33 -6.73
C GLY B 12 6.95 2.55 -6.31
N GLY B 13 6.31 3.50 -5.64
CA GLY B 13 7.01 4.70 -5.20
C GLY B 13 6.33 5.33 -3.98
N GLY B 14 6.73 6.56 -3.72
CA GLY B 14 6.18 7.35 -2.63
C GLY B 14 4.69 7.13 -2.47
N ARG B 15 3.98 7.16 -3.58
CA ARG B 15 2.53 7.03 -3.53
C ARG B 15 2.19 5.73 -2.82
N GLY B 16 1.45 5.90 -1.72
CA GLY B 16 1.08 4.80 -0.84
C GLY B 16 1.76 4.98 0.51
N GLN B 17 2.88 5.73 0.49
CA GLN B 17 3.67 6.01 1.69
C GLN B 17 2.77 6.18 2.93
N GLY B 1 -4.80 -7.48 -3.45
CA GLY B 1 -4.75 -6.34 -2.48
C GLY B 1 -4.65 -6.88 -1.06
N PRO B 2 -4.47 -6.00 -0.10
CA PRO B 2 -4.36 -6.39 1.34
C PRO B 2 -5.64 -7.05 1.85
N ARG B 3 -5.49 -8.19 2.52
CA ARG B 3 -6.64 -8.92 3.06
C ARG B 3 -6.86 -8.60 4.53
N ARG B 4 -5.81 -8.15 5.22
CA ARG B 4 -5.93 -7.83 6.65
C ARG B 4 -6.61 -6.47 6.86
N GLY B 5 -6.09 -5.44 6.20
CA GLY B 5 -6.66 -4.11 6.33
C GLY B 5 -5.57 -3.05 6.56
N ASP B 6 -4.44 -3.48 7.14
CA ASP B 6 -3.34 -2.56 7.40
C ASP B 6 -2.89 -1.91 6.09
N GLY B 7 -2.68 -2.72 5.08
CA GLY B 7 -2.26 -2.22 3.77
C GLY B 7 -0.79 -1.83 3.76
N ARG B 8 0.00 -2.58 3.00
CA ARG B 8 1.43 -2.31 2.90
C ARG B 8 1.68 -1.09 2.01
N ARG B 9 2.87 -0.50 2.10
CA ARG B 9 3.20 0.64 1.27
C ARG B 9 3.32 0.17 -0.16
N ARG B 10 2.58 0.83 -1.03
CA ARG B 10 2.57 0.45 -2.44
C ARG B 10 3.95 0.67 -3.07
N GLY B 11 4.26 -0.13 -4.08
CA GLY B 11 5.53 0.00 -4.78
C GLY B 11 5.51 1.25 -5.64
N GLY B 12 5.72 1.08 -6.95
CA GLY B 12 5.71 2.22 -7.87
C GLY B 12 6.78 3.23 -7.51
N GLY B 13 6.52 4.00 -6.46
CA GLY B 13 7.48 5.01 -6.04
C GLY B 13 7.18 5.52 -4.64
N GLY B 14 7.58 6.76 -4.38
CA GLY B 14 7.33 7.40 -3.10
C GLY B 14 5.96 7.01 -2.56
N ARG B 15 4.96 7.09 -3.43
CA ARG B 15 3.60 6.77 -3.04
C ARG B 15 3.53 5.34 -2.49
N GLY B 16 3.08 5.28 -1.24
CA GLY B 16 2.99 4.04 -0.48
C GLY B 16 3.11 4.37 1.01
N GLN B 17 3.86 5.45 1.30
CA GLN B 17 4.05 5.90 2.67
C GLN B 17 2.71 6.16 3.36
N GLY B 1 -4.76 -6.77 -2.93
CA GLY B 1 -4.70 -5.53 -2.11
C GLY B 1 -4.47 -5.87 -0.65
N PRO B 2 -4.39 -4.87 0.20
CA PRO B 2 -4.16 -5.08 1.67
C PRO B 2 -5.21 -6.00 2.28
N ARG B 3 -4.75 -7.01 3.02
CA ARG B 3 -5.65 -7.97 3.67
C ARG B 3 -6.07 -7.49 5.06
N ARG B 4 -5.25 -6.61 5.65
CA ARG B 4 -5.54 -6.11 6.99
C ARG B 4 -6.57 -4.99 6.95
N GLY B 5 -6.21 -3.87 6.30
CA GLY B 5 -7.12 -2.73 6.21
C GLY B 5 -6.35 -1.42 6.30
N ASP B 6 -5.30 -1.41 7.12
CA ASP B 6 -4.47 -0.21 7.28
C ASP B 6 -3.92 0.23 5.93
N GLY B 7 -3.48 -0.74 5.14
CA GLY B 7 -2.93 -0.45 3.81
C GLY B 7 -1.43 -0.22 3.86
N ARG B 8 -0.68 -1.26 3.48
CA ARG B 8 0.78 -1.18 3.47
C ARG B 8 1.22 -0.18 2.40
N ARG B 9 2.47 0.30 2.50
CA ARG B 9 2.96 1.22 1.50
C ARG B 9 3.11 0.44 0.20
N ARG B 10 2.49 0.97 -0.82
CA ARG B 10 2.50 0.35 -2.13
C ARG B 10 3.90 0.32 -2.71
N GLY B 11 4.15 -0.66 -3.57
CA GLY B 11 5.43 -0.76 -4.23
C GLY B 11 5.58 0.42 -5.18
N GLY B 12 6.17 0.20 -6.35
CA GLY B 12 6.34 1.28 -7.32
C GLY B 12 7.04 2.48 -6.68
N GLY B 13 6.28 3.29 -5.93
CA GLY B 13 6.87 4.45 -5.27
C GLY B 13 6.06 4.88 -4.05
N GLY B 14 6.49 6.00 -3.49
CA GLY B 14 5.85 6.64 -2.35
C GLY B 14 4.34 6.52 -2.40
N ARG B 15 3.78 6.83 -3.57
CA ARG B 15 2.33 6.85 -3.72
C ARG B 15 1.74 5.54 -3.23
N GLY B 16 0.73 5.70 -2.38
CA GLY B 16 0.08 4.56 -1.75
C GLY B 16 0.77 4.27 -0.41
N GLN B 17 1.68 5.18 0.00
CA GLN B 17 2.42 5.01 1.26
C GLN B 17 1.45 4.97 2.44
N GLY B 1 -3.78 -5.69 -3.30
CA GLY B 1 -5.15 -5.60 -2.77
C GLY B 1 -5.15 -5.82 -1.27
N PRO B 2 -4.76 -4.81 -0.52
CA PRO B 2 -4.73 -4.90 0.98
C PRO B 2 -6.10 -5.19 1.57
N ARG B 3 -6.18 -6.26 2.37
CA ARG B 3 -7.46 -6.66 2.97
C ARG B 3 -7.81 -5.77 4.17
N ARG B 4 -6.80 -5.13 4.78
CA ARG B 4 -7.06 -4.28 5.94
C ARG B 4 -7.75 -2.96 5.54
N GLY B 5 -7.17 -2.26 4.57
CA GLY B 5 -7.75 -1.00 4.10
C GLY B 5 -6.72 -0.23 3.26
N ASP B 6 -6.33 0.96 3.71
CA ASP B 6 -5.34 1.75 2.98
C ASP B 6 -4.15 0.85 2.68
N GLY B 7 -3.85 -0.03 3.64
CA GLY B 7 -2.76 -0.98 3.49
C GLY B 7 -1.39 -0.33 3.56
N ARG B 8 -0.37 -1.17 3.47
CA ARG B 8 1.02 -0.73 3.48
C ARG B 8 1.30 0.18 2.30
N ARG B 9 2.39 0.92 2.36
CA ARG B 9 2.73 1.80 1.27
C ARG B 9 3.10 0.92 0.08
N ARG B 10 2.42 1.17 -1.03
CA ARG B 10 2.62 0.38 -2.24
C ARG B 10 4.01 0.56 -2.79
N GLY B 11 4.50 -0.46 -3.49
CA GLY B 11 5.82 -0.41 -4.10
C GLY B 11 5.81 0.59 -5.25
N GLY B 12 6.16 0.12 -6.44
CA GLY B 12 6.17 1.00 -7.61
C GLY B 12 7.07 2.21 -7.38
N GLY B 13 6.54 3.21 -6.68
CA GLY B 13 7.31 4.41 -6.40
C GLY B 13 7.00 4.96 -5.03
N GLY B 14 7.56 6.15 -4.76
CA GLY B 14 7.34 6.84 -3.50
C GLY B 14 5.90 6.68 -3.01
N ARG B 15 4.96 6.89 -3.93
CA ARG B 15 3.53 6.82 -3.61
C ARG B 15 3.20 5.56 -2.81
N GLY B 16 2.60 5.78 -1.65
CA GLY B 16 2.21 4.69 -0.75
C GLY B 16 2.29 5.13 0.70
N GLN B 17 3.30 5.93 1.04
CA GLN B 17 3.47 6.40 2.42
C GLN B 17 2.39 7.41 2.79
N GLY B 1 -5.61 -4.36 -2.98
CA GLY B 1 -5.08 -3.37 -2.01
C GLY B 1 -4.50 -4.10 -0.80
N PRO B 2 -4.82 -3.66 0.39
CA PRO B 2 -4.31 -4.30 1.65
C PRO B 2 -5.22 -5.44 2.11
N ARG B 3 -4.61 -6.52 2.61
CA ARG B 3 -5.38 -7.66 3.08
C ARG B 3 -5.46 -7.68 4.60
N ARG B 4 -4.53 -7.00 5.27
CA ARG B 4 -4.51 -6.95 6.72
C ARG B 4 -5.44 -5.86 7.24
N GLY B 5 -5.25 -4.64 6.76
CA GLY B 5 -6.08 -3.51 7.19
C GLY B 5 -5.23 -2.28 7.50
N ASP B 6 -4.00 -2.51 7.96
CA ASP B 6 -3.11 -1.39 8.29
C ASP B 6 -2.89 -0.49 7.07
N GLY B 7 -2.89 -1.09 5.88
CA GLY B 7 -2.71 -0.33 4.65
C GLY B 7 -1.24 -0.12 4.36
N ARG B 8 -0.57 -1.16 3.86
CA ARG B 8 0.85 -1.07 3.54
C ARG B 8 1.10 0.00 2.48
N ARG B 9 2.27 0.62 2.53
CA ARG B 9 2.62 1.62 1.54
C ARG B 9 2.84 0.91 0.22
N ARG B 10 2.14 1.36 -0.81
CA ARG B 10 2.25 0.74 -2.11
C ARG B 10 3.68 0.78 -2.63
N GLY B 11 4.12 -0.32 -3.23
CA GLY B 11 5.46 -0.38 -3.78
C GLY B 11 5.51 0.53 -5.01
N GLY B 12 5.87 -0.05 -6.15
CA GLY B 12 5.93 0.70 -7.39
C GLY B 12 6.86 1.89 -7.29
N GLY B 13 6.40 3.00 -6.69
CA GLY B 13 7.25 4.17 -6.57
C GLY B 13 7.00 4.94 -5.28
N GLY B 14 7.44 6.19 -5.30
CA GLY B 14 7.27 7.09 -4.17
C GLY B 14 5.92 6.88 -3.51
N ARG B 15 4.88 6.83 -4.34
CA ARG B 15 3.51 6.65 -3.86
C ARG B 15 3.40 5.38 -3.02
N GLY B 16 2.99 5.55 -1.77
CA GLY B 16 2.84 4.42 -0.85
C GLY B 16 2.76 4.88 0.59
N GLN B 17 3.73 5.70 1.01
CA GLN B 17 3.77 6.19 2.39
C GLN B 17 2.55 7.07 2.70
#